data_3I4O
#
_entry.id   3I4O
#
_cell.length_a   73.95
_cell.length_b   76.54
_cell.length_c   28.03
_cell.angle_alpha   90.000
_cell.angle_beta   90.000
_cell.angle_gamma   90.000
#
_symmetry.space_group_name_H-M   'P 21 21 2'
#
loop_
_entity.id
_entity.type
_entity.pdbx_description
1 polymer 'Translation initiation factor IF-1'
2 water water
#
_entity_poly.entity_id   1
_entity_poly.type   'polypeptide(L)'
_entity_poly.pdbx_seq_one_letter_code
;GIDPFTMAKKDGAIEVEGRVVEPLPNAMFRIELENGHKVLAHISGKMRQHYIRILPEDRVVVELSPYDLSRGRIVYRYK
;
_entity_poly.pdbx_strand_id   A,B
#
# COMPACT_ATOMS: atom_id res chain seq x y z
N GLY A 12 8.62 9.92 -0.35
CA GLY A 12 7.53 9.51 -1.29
C GLY A 12 7.13 8.05 -1.24
N ALA A 13 7.77 7.24 -0.38
CA ALA A 13 7.40 5.78 -0.23
C ALA A 13 5.96 5.63 0.18
N ILE A 14 5.34 4.56 -0.30
CA ILE A 14 3.94 4.40 -0.04
CA ILE A 14 3.92 4.32 -0.10
C ILE A 14 3.70 3.35 1.05
N GLU A 15 4.64 2.43 1.29
CA GLU A 15 4.55 1.48 2.39
C GLU A 15 5.70 1.83 3.31
N VAL A 16 5.37 2.22 4.54
CA VAL A 16 6.35 2.80 5.44
C VAL A 16 6.12 2.35 6.89
N GLU A 17 7.18 2.13 7.64
N GLU A 17 7.21 2.14 7.62
CA GLU A 17 6.99 1.80 9.04
CA GLU A 17 7.17 1.81 9.04
C GLU A 17 7.00 3.05 9.90
C GLU A 17 6.98 3.08 9.87
N GLY A 18 6.32 2.95 11.03
CA GLY A 18 6.24 4.10 11.94
C GLY A 18 5.97 3.66 13.35
N ARG A 19 5.80 4.65 14.22
CA ARG A 19 5.49 4.40 15.61
C ARG A 19 4.15 5.10 15.95
N VAL A 20 3.30 4.41 16.69
CA VAL A 20 2.02 5.00 17.06
C VAL A 20 2.22 6.06 18.12
N VAL A 21 1.63 7.21 17.88
CA VAL A 21 1.69 8.34 18.82
C VAL A 21 0.50 8.34 19.75
N GLU A 22 -0.71 8.34 19.20
CA GLU A 22 -1.88 8.34 20.06
C GLU A 22 -3.12 7.92 19.27
N PRO A 23 -4.09 7.35 19.98
CA PRO A 23 -5.36 7.03 19.37
C PRO A 23 -6.24 8.26 19.27
N LEU A 24 -7.01 8.30 18.21
CA LEU A 24 -7.97 9.36 17.97
C LEU A 24 -9.33 8.72 17.80
N PRO A 25 -10.38 9.55 17.71
CA PRO A 25 -11.69 8.95 17.47
C PRO A 25 -11.80 8.27 16.10
N ASN A 26 -12.89 7.53 15.88
CA ASN A 26 -13.13 6.88 14.61
C ASN A 26 -12.04 5.90 14.21
N ALA A 27 -11.48 5.28 15.23
CA ALA A 27 -10.50 4.21 15.07
C ALA A 27 -9.28 4.66 14.27
N MET A 28 -8.97 5.93 14.40
CA MET A 28 -7.77 6.47 13.77
C MET A 28 -6.62 6.58 14.76
N PHE A 29 -5.40 6.60 14.26
CA PHE A 29 -4.22 6.79 15.08
C PHE A 29 -3.28 7.76 14.43
N ARG A 30 -2.70 8.65 15.25
CA ARG A 30 -1.60 9.48 14.78
C ARG A 30 -0.33 8.63 14.87
N ILE A 31 0.44 8.63 13.79
CA ILE A 31 1.67 7.82 13.66
C ILE A 31 2.78 8.72 13.19
N GLU A 32 4.00 8.49 13.69
CA GLU A 32 5.19 9.13 13.13
C GLU A 32 5.90 8.08 12.29
N LEU A 33 6.11 8.36 11.00
CA LEU A 33 6.79 7.40 10.12
C LEU A 33 8.29 7.60 10.18
N GLU A 34 9.01 6.54 9.82
N GLU A 34 9.02 6.55 9.82
CA GLU A 34 10.45 6.60 9.85
CA GLU A 34 10.49 6.59 9.81
C GLU A 34 11.09 7.35 8.70
C GLU A 34 11.09 7.56 8.81
N ASN A 35 10.27 8.01 7.88
CA ASN A 35 10.75 9.02 6.94
C ASN A 35 10.54 10.44 7.43
N GLY A 36 10.12 10.58 8.69
CA GLY A 36 10.00 11.92 9.28
C GLY A 36 8.67 12.60 9.14
N HIS A 37 7.68 11.86 8.62
CA HIS A 37 6.38 12.46 8.35
C HIS A 37 5.30 11.92 9.28
N LYS A 38 4.38 12.78 9.71
CA LYS A 38 3.21 12.34 10.50
C LYS A 38 2.07 11.91 9.64
N VAL A 39 1.35 10.89 10.07
N VAL A 39 1.56 10.71 9.88
CA VAL A 39 0.19 10.49 9.32
CA VAL A 39 0.47 10.08 9.09
C VAL A 39 -0.92 10.07 10.27
C VAL A 39 -0.61 9.71 10.07
N LEU A 40 -2.13 9.99 9.74
N LEU A 40 -1.86 9.79 9.62
CA LEU A 40 -3.24 9.42 10.50
CA LEU A 40 -3.02 9.39 10.41
C LEU A 40 -3.67 8.16 9.77
C LEU A 40 -3.68 8.17 9.75
N ALA A 41 -3.85 7.07 10.51
CA ALA A 41 -4.25 5.79 9.86
C ALA A 41 -5.19 5.00 10.69
N HIS A 42 -6.02 4.13 10.07
CA HIS A 42 -6.79 3.12 10.87
C HIS A 42 -6.31 1.74 10.59
N ILE A 43 -6.67 0.74 11.44
CA ILE A 43 -6.21 -0.62 11.20
C ILE A 43 -7.02 -1.18 10.07
N SER A 44 -6.41 -2.11 9.39
CA SER A 44 -7.04 -2.75 8.27
C SER A 44 -8.17 -3.68 8.73
N GLY A 45 -9.01 -4.08 7.78
CA GLY A 45 -10.06 -5.03 8.10
C GLY A 45 -9.54 -6.35 8.64
N LYS A 46 -8.42 -6.84 8.09
CA LYS A 46 -7.84 -8.08 8.57
CA LYS A 46 -7.87 -8.09 8.59
C LYS A 46 -7.40 -7.92 10.04
N MET A 47 -6.80 -6.78 10.36
N MET A 47 -6.79 -6.78 10.33
CA MET A 47 -6.38 -6.60 11.75
CA MET A 47 -6.34 -6.48 11.71
C MET A 47 -7.58 -6.49 12.66
C MET A 47 -7.53 -6.38 12.67
N ARG A 48 -8.65 -5.83 12.19
CA ARG A 48 -9.86 -5.70 13.02
C ARG A 48 -10.43 -7.08 13.28
N GLN A 49 -10.45 -7.90 12.23
CA GLN A 49 -10.96 -9.28 12.32
C GLN A 49 -10.18 -10.13 13.29
N HIS A 50 -8.90 -9.83 13.45
N HIS A 50 -8.89 -9.86 13.44
CA HIS A 50 -8.03 -10.58 14.33
CA HIS A 50 -8.07 -10.60 14.37
C HIS A 50 -7.84 -9.85 15.66
C HIS A 50 -7.84 -9.86 15.67
N TYR A 51 -8.56 -8.76 15.86
CA TYR A 51 -8.55 -8.04 17.18
C TYR A 51 -7.14 -7.66 17.63
N ILE A 52 -6.38 -7.07 16.72
CA ILE A 52 -5.02 -6.64 17.00
C ILE A 52 -5.08 -5.34 17.76
N ARG A 53 -4.50 -5.36 18.95
CA ARG A 53 -4.48 -4.14 19.76
C ARG A 53 -3.37 -3.22 19.25
N ILE A 54 -3.69 -1.94 19.17
N ILE A 54 -3.66 -1.94 19.19
CA ILE A 54 -2.72 -0.92 18.84
CA ILE A 54 -2.67 -0.93 18.86
C ILE A 54 -2.61 -0.03 20.07
C ILE A 54 -2.57 0.13 19.94
N LEU A 55 -1.37 0.24 20.50
CA LEU A 55 -1.10 1.17 21.61
C LEU A 55 -0.02 2.16 21.24
N PRO A 56 0.00 3.30 21.93
CA PRO A 56 1.12 4.22 21.75
C PRO A 56 2.46 3.55 21.91
N GLU A 57 3.38 3.90 21.02
CA GLU A 57 4.75 3.34 20.98
C GLU A 57 4.84 2.06 20.22
N ASP A 58 3.71 1.50 19.76
CA ASP A 58 3.83 0.29 18.92
C ASP A 58 4.51 0.63 17.59
N ARG A 59 5.19 -0.35 17.01
CA ARG A 59 5.78 -0.22 15.68
C ARG A 59 4.81 -0.83 14.68
N VAL A 60 4.49 -0.07 13.64
CA VAL A 60 3.49 -0.51 12.66
C VAL A 60 3.99 -0.36 11.23
N VAL A 61 3.35 -1.11 10.32
CA VAL A 61 3.55 -0.86 8.89
C VAL A 61 2.28 -0.21 8.38
N VAL A 62 2.45 0.87 7.62
CA VAL A 62 1.35 1.67 7.09
C VAL A 62 1.39 1.65 5.55
N GLU A 63 0.24 1.45 4.91
CA GLU A 63 0.10 1.65 3.48
C GLU A 63 -0.57 3.02 3.29
N LEU A 64 0.15 3.95 2.66
CA LEU A 64 -0.39 5.31 2.53
C LEU A 64 -1.39 5.42 1.39
N SER A 65 -2.28 6.39 1.51
CA SER A 65 -3.26 6.61 0.47
C SER A 65 -2.60 7.27 -0.77
N PRO A 66 -2.97 6.79 -1.98
N PRO A 66 -2.90 6.78 -1.98
CA PRO A 66 -2.46 7.46 -3.17
CA PRO A 66 -2.39 7.49 -3.14
C PRO A 66 -2.85 8.94 -3.17
C PRO A 66 -2.94 8.90 -3.31
N TYR A 67 -4.03 9.24 -2.61
CA TYR A 67 -4.57 10.61 -2.70
C TYR A 67 -3.98 11.55 -1.68
N ASP A 68 -3.37 11.01 -0.62
CA ASP A 68 -2.91 11.85 0.48
C ASP A 68 -1.93 11.05 1.29
N LEU A 69 -0.64 11.36 1.15
CA LEU A 69 0.40 10.61 1.82
C LEU A 69 0.37 10.87 3.32
N SER A 70 -0.47 11.78 3.81
CA SER A 70 -0.61 11.95 5.23
C SER A 70 -1.74 11.10 5.85
N ARG A 71 -2.35 10.23 5.05
CA ARG A 71 -3.39 9.33 5.51
C ARG A 71 -3.02 7.92 5.08
N GLY A 72 -3.48 6.92 5.84
CA GLY A 72 -3.16 5.55 5.41
C GLY A 72 -3.92 4.53 6.22
N ARG A 73 -3.47 3.28 6.04
CA ARG A 73 -4.04 2.12 6.69
C ARG A 73 -2.92 1.37 7.40
N ILE A 74 -3.10 1.12 8.69
CA ILE A 74 -2.15 0.28 9.41
C ILE A 74 -2.42 -1.17 8.98
N VAL A 75 -1.39 -1.89 8.51
CA VAL A 75 -1.61 -3.27 8.07
C VAL A 75 -0.85 -4.33 8.87
N TYR A 76 0.05 -3.89 9.75
CA TYR A 76 0.79 -4.82 10.54
C TYR A 76 1.26 -4.10 11.80
N ARG A 77 1.23 -4.79 12.93
CA ARG A 77 1.81 -4.23 14.16
C ARG A 77 2.79 -5.26 14.70
N TYR A 78 4.03 -4.84 14.89
CA TYR A 78 5.08 -5.77 15.36
C TYR A 78 4.82 -6.25 16.76
N LYS A 79 5.11 -7.53 16.98
CA LYS A 79 4.90 -8.06 18.32
C LYS A 79 5.98 -7.54 19.27
N ALA B 13 -0.53 -16.29 -6.15
CA ALA B 13 -0.84 -15.72 -4.80
C ALA B 13 -0.15 -14.41 -4.60
N ILE B 14 1.18 -14.41 -4.52
N ILE B 14 1.18 -14.42 -4.58
CA ILE B 14 1.89 -13.17 -4.28
CA ILE B 14 1.97 -13.22 -4.28
C ILE B 14 2.37 -12.49 -5.55
C ILE B 14 2.50 -12.50 -5.51
N GLU B 15 2.73 -13.24 -6.59
CA GLU B 15 3.07 -12.72 -7.89
C GLU B 15 1.88 -12.95 -8.78
N VAL B 16 1.32 -11.85 -9.29
CA VAL B 16 0.02 -11.91 -9.99
C VAL B 16 0.04 -11.09 -11.27
N GLU B 17 -0.82 -11.45 -12.20
N GLU B 17 -0.85 -11.45 -12.18
CA GLU B 17 -1.02 -10.66 -13.39
CA GLU B 17 -1.09 -10.71 -13.40
C GLU B 17 -2.33 -9.89 -13.32
C GLU B 17 -2.32 -9.82 -13.20
N GLY B 18 -2.37 -8.70 -13.92
CA GLY B 18 -3.60 -7.93 -13.95
C GLY B 18 -3.61 -6.90 -15.03
N ARG B 19 -4.73 -6.22 -15.15
CA ARG B 19 -4.99 -5.21 -16.14
C ARG B 19 -5.07 -3.84 -15.44
N VAL B 20 -4.37 -2.86 -15.98
CA VAL B 20 -4.45 -1.49 -15.43
C VAL B 20 -5.81 -0.93 -15.73
N VAL B 21 -6.47 -0.44 -14.67
CA VAL B 21 -7.78 0.21 -14.83
C VAL B 21 -7.59 1.71 -14.96
N GLU B 22 -6.84 2.31 -14.05
N GLU B 22 -6.88 2.33 -14.02
CA GLU B 22 -6.65 3.73 -14.12
CA GLU B 22 -6.69 3.77 -14.12
C GLU B 22 -5.50 4.25 -13.29
C GLU B 22 -5.50 4.25 -13.30
N PRO B 23 -4.92 5.38 -13.69
CA PRO B 23 -3.83 5.98 -12.96
C PRO B 23 -4.39 6.76 -11.77
N LEU B 24 -3.58 6.78 -10.73
CA LEU B 24 -3.89 7.57 -9.53
C LEU B 24 -2.75 8.50 -9.25
N PRO B 25 -2.91 9.43 -8.29
CA PRO B 25 -1.74 10.23 -7.94
C PRO B 25 -0.64 9.46 -7.27
N ASN B 26 0.49 10.14 -7.05
CA ASN B 26 1.66 9.54 -6.43
C ASN B 26 2.13 8.30 -7.18
N ALA B 27 1.99 8.37 -8.51
CA ALA B 27 2.55 7.30 -9.35
C ALA B 27 1.94 5.92 -9.05
N MET B 28 0.72 5.92 -8.56
N MET B 28 0.71 5.90 -8.55
CA MET B 28 0.03 4.66 -8.33
CA MET B 28 0.03 4.64 -8.28
C MET B 28 -0.95 4.31 -9.42
C MET B 28 -1.01 4.32 -9.36
N PHE B 29 -1.33 3.04 -9.51
CA PHE B 29 -2.29 2.57 -10.53
C PHE B 29 -3.26 1.62 -9.86
N ARG B 30 -4.52 1.73 -10.22
CA ARG B 30 -5.51 0.71 -9.84
C ARG B 30 -5.44 -0.41 -10.89
N ILE B 31 -5.29 -1.64 -10.42
CA ILE B 31 -5.14 -2.81 -11.29
C ILE B 31 -6.22 -3.84 -10.95
N GLU B 32 -6.80 -4.47 -11.96
CA GLU B 32 -7.77 -5.55 -11.71
C GLU B 32 -7.08 -6.85 -12.03
N LEU B 33 -7.02 -7.73 -11.06
CA LEU B 33 -6.37 -9.01 -11.25
C LEU B 33 -7.30 -9.95 -12.01
N GLU B 34 -6.80 -11.12 -12.38
CA GLU B 34 -7.64 -12.03 -13.19
CA GLU B 34 -7.59 -12.09 -13.16
C GLU B 34 -8.85 -12.57 -12.44
N ASN B 35 -8.81 -12.55 -11.11
CA ASN B 35 -9.95 -12.95 -10.32
C ASN B 35 -10.87 -11.78 -9.96
N GLY B 36 -10.61 -10.60 -10.56
CA GLY B 36 -11.46 -9.42 -10.36
C GLY B 36 -11.07 -8.60 -9.15
N HIS B 37 -10.17 -9.09 -8.30
CA HIS B 37 -9.76 -8.28 -7.14
C HIS B 37 -8.97 -7.06 -7.61
N LYS B 38 -9.11 -5.96 -6.88
CA LYS B 38 -8.41 -4.76 -7.24
C LYS B 38 -7.20 -4.55 -6.32
N VAL B 39 -6.10 -4.16 -6.91
N VAL B 39 -6.09 -4.14 -6.92
CA VAL B 39 -4.95 -3.80 -6.12
CA VAL B 39 -4.82 -3.91 -6.25
C VAL B 39 -4.45 -2.45 -6.57
C VAL B 39 -4.31 -2.53 -6.63
N LEU B 40 -3.71 -1.79 -5.71
CA LEU B 40 -3.01 -0.55 -6.08
C LEU B 40 -1.53 -0.77 -6.13
N ALA B 41 -0.87 -0.29 -7.17
CA ALA B 41 0.58 -0.56 -7.30
C ALA B 41 1.29 0.56 -7.99
N HIS B 42 2.60 0.69 -7.76
CA HIS B 42 3.44 1.60 -8.53
C HIS B 42 4.47 0.83 -9.31
N ILE B 43 5.11 1.43 -10.34
CA ILE B 43 6.09 0.67 -11.11
C ILE B 43 7.40 0.63 -10.35
N SER B 44 8.16 -0.39 -10.70
CA SER B 44 9.42 -0.63 -10.04
C SER B 44 10.49 0.39 -10.43
N GLY B 45 11.56 0.43 -9.66
CA GLY B 45 12.65 1.30 -10.04
C GLY B 45 13.25 0.97 -11.36
N LYS B 46 13.41 -0.32 -11.67
CA LYS B 46 13.96 -0.69 -12.95
CA LYS B 46 13.95 -0.71 -12.95
C LYS B 46 13.09 -0.17 -14.07
N MET B 47 11.76 -0.24 -13.90
CA MET B 47 10.86 0.31 -14.92
C MET B 47 10.95 1.81 -14.99
N ARG B 48 11.06 2.50 -13.86
CA ARG B 48 11.24 3.95 -13.92
C ARG B 48 12.54 4.32 -14.64
N GLN B 49 13.58 3.50 -14.46
CA GLN B 49 14.87 3.75 -15.14
CA GLN B 49 14.87 3.76 -15.14
C GLN B 49 14.77 3.58 -16.66
N HIS B 50 13.76 2.88 -17.11
CA HIS B 50 13.49 2.73 -18.53
C HIS B 50 12.33 3.59 -18.99
N TYR B 51 11.88 4.53 -18.14
CA TYR B 51 10.90 5.55 -18.56
C TYR B 51 9.63 4.90 -19.04
N ILE B 52 9.24 3.82 -18.40
CA ILE B 52 8.09 3.07 -18.84
C ILE B 52 6.80 3.82 -18.56
N ARG B 53 5.98 3.93 -19.61
CA ARG B 53 4.68 4.57 -19.46
C ARG B 53 3.59 3.53 -19.35
N ILE B 54 2.79 3.63 -18.28
CA ILE B 54 1.70 2.72 -18.09
C ILE B 54 0.39 3.38 -18.46
N LEU B 55 -0.41 2.66 -19.24
CA LEU B 55 -1.74 3.16 -19.69
C LEU B 55 -2.81 2.24 -19.25
N PRO B 56 -4.05 2.74 -19.18
CA PRO B 56 -5.18 1.84 -19.02
C PRO B 56 -5.15 0.69 -20.03
N GLU B 57 -5.56 -0.49 -19.56
CA GLU B 57 -5.63 -1.72 -20.32
C GLU B 57 -4.29 -2.38 -20.48
N ASP B 58 -3.21 -1.76 -19.98
CA ASP B 58 -1.92 -2.46 -20.04
C ASP B 58 -2.02 -3.71 -19.15
N ARG B 59 -1.32 -4.75 -19.54
CA ARG B 59 -1.27 -5.94 -18.75
C ARG B 59 0.06 -5.94 -18.02
N VAL B 60 0.02 -6.27 -16.75
CA VAL B 60 1.21 -6.10 -15.89
C VAL B 60 1.37 -7.31 -14.99
N VAL B 61 2.60 -7.50 -14.57
CA VAL B 61 2.89 -8.45 -13.47
C VAL B 61 3.15 -7.61 -12.23
N VAL B 62 2.54 -8.01 -11.12
CA VAL B 62 2.63 -7.25 -9.86
C VAL B 62 3.17 -8.21 -8.79
N GLU B 63 4.13 -7.72 -8.01
CA GLU B 63 4.59 -8.44 -6.80
C GLU B 63 3.84 -7.79 -5.64
N LEU B 64 2.96 -8.54 -5.00
CA LEU B 64 2.15 -7.97 -3.94
C LEU B 64 2.96 -7.84 -2.65
N SER B 65 2.53 -6.90 -1.80
CA SER B 65 3.19 -6.74 -0.51
C SER B 65 2.84 -7.89 0.42
N PRO B 66 3.81 -8.50 1.08
N PRO B 66 3.86 -8.42 1.14
CA PRO B 66 3.36 -9.53 2.03
CA PRO B 66 3.68 -9.44 2.17
C PRO B 66 2.46 -8.95 3.14
C PRO B 66 2.75 -8.98 3.28
N TYR B 67 2.61 -7.66 3.44
CA TYR B 67 1.78 -7.09 4.51
C TYR B 67 0.36 -6.78 4.08
N ASP B 68 0.13 -6.70 2.77
CA ASP B 68 -1.16 -6.22 2.28
C ASP B 68 -1.30 -6.65 0.82
N LEU B 69 -2.10 -7.68 0.59
CA LEU B 69 -2.25 -8.26 -0.72
C LEU B 69 -3.08 -7.37 -1.65
N SER B 70 -3.57 -6.23 -1.15
CA SER B 70 -4.23 -5.24 -1.99
C SER B 70 -3.25 -4.15 -2.50
N ARG B 71 -1.96 -4.29 -2.17
CA ARG B 71 -0.94 -3.34 -2.61
C ARG B 71 0.20 -4.07 -3.24
N GLY B 72 0.89 -3.45 -4.17
CA GLY B 72 2.08 -4.10 -4.72
C GLY B 72 2.94 -3.18 -5.55
N ARG B 73 3.84 -3.83 -6.26
CA ARG B 73 4.77 -3.17 -7.17
C ARG B 73 4.63 -3.80 -8.56
N ILE B 74 4.33 -2.99 -9.60
CA ILE B 74 4.36 -3.47 -10.97
C ILE B 74 5.81 -3.71 -11.34
N VAL B 75 6.12 -4.90 -11.87
CA VAL B 75 7.51 -5.18 -12.23
C VAL B 75 7.70 -5.53 -13.71
N TYR B 76 6.62 -5.72 -14.43
CA TYR B 76 6.69 -5.98 -15.84
C TYR B 76 5.42 -5.52 -16.50
N ARG B 77 5.55 -4.97 -17.72
CA ARG B 77 4.40 -4.52 -18.50
C ARG B 77 4.50 -5.25 -19.81
N TYR B 78 3.48 -6.01 -20.18
CA TYR B 78 3.52 -6.61 -21.54
C TYR B 78 3.47 -5.49 -22.59
N LYS B 79 4.46 -5.39 -23.51
CA LYS B 79 4.52 -4.27 -24.48
C LYS B 79 3.27 -4.16 -25.34
#